data_3MIT
#
_entry.id   3MIT
#
_cell.length_a   80.926
_cell.length_b   80.926
_cell.length_c   148.173
_cell.angle_alpha   90.00
_cell.angle_beta   90.00
_cell.angle_gamma   120.00
#
_symmetry.space_group_name_H-M   'P 32 2 1'
#
loop_
_entity.id
_entity.type
_entity.pdbx_description
1 polymer Lectin
2 non-polymer alpha-D-mannopyranose
3 non-polymer 'ZINC ION'
4 non-polymer HEXANE-1,6-DIOL
5 water water
#
_entity_poly.entity_id   1
_entity_poly.type   'polypeptide(L)'
_entity_poly.pdbx_seq_one_letter_code
;MNGAIKVGAWGGNGGSAFDMGPAYRIISVKIFSGDVVDAVDVTFTYYGKTETRHFGGSGGTPHEIVLQEGEYLVGMKGEF
GNYHGVVVVGKLGFSTNKKSYGPFGNTGGTPFSLPIAAGKISGFFGRGGDFIDAIGVYLEP
;
_entity_poly.pdbx_strand_id   A,B
#
loop_
_chem_comp.id
_chem_comp.type
_chem_comp.name
_chem_comp.formula
HEZ non-polymer HEXANE-1,6-DIOL 'C6 H14 O2'
MAN D-saccharide, alpha linking alpha-D-mannopyranose 'C6 H12 O6'
ZN non-polymer 'ZINC ION' 'Zn 2'
#
# COMPACT_ATOMS: atom_id res chain seq x y z
N ALA A 4 -0.51 -9.19 -13.61
CA ALA A 4 -0.45 -7.76 -13.18
C ALA A 4 -0.80 -7.58 -11.70
N ILE A 5 -0.05 -6.70 -11.06
CA ILE A 5 -0.25 -6.33 -9.67
C ILE A 5 -0.61 -4.86 -9.65
N LYS A 6 -1.82 -4.56 -9.21
CA LYS A 6 -2.29 -3.19 -9.12
C LYS A 6 -2.76 -2.91 -7.70
N VAL A 7 -2.17 -1.90 -7.07
CA VAL A 7 -2.60 -1.47 -5.73
C VAL A 7 -3.12 -0.03 -5.76
N GLY A 8 -4.13 0.24 -4.93
CA GLY A 8 -4.89 1.48 -5.02
C GLY A 8 -6.16 1.25 -5.82
N ALA A 9 -6.78 2.32 -6.33
CA ALA A 9 -6.27 3.68 -6.22
C ALA A 9 -6.69 4.33 -4.91
N TRP A 10 -5.90 5.31 -4.47
CA TRP A 10 -6.26 6.11 -3.31
C TRP A 10 -6.74 7.46 -3.80
N GLY A 11 -7.87 7.91 -3.27
CA GLY A 11 -8.48 9.16 -3.65
C GLY A 11 -9.98 8.99 -3.75
N GLY A 12 -10.63 9.87 -4.51
CA GLY A 12 -12.07 9.84 -4.66
C GLY A 12 -12.56 9.25 -5.96
N ASN A 13 -13.88 9.23 -6.11
CA ASN A 13 -14.55 8.56 -7.22
C ASN A 13 -14.90 9.50 -8.39
N GLY A 14 -14.55 10.78 -8.26
CA GLY A 14 -14.80 11.77 -9.31
C GLY A 14 -13.84 11.62 -10.48
N GLY A 15 -13.88 12.59 -11.38
CA GLY A 15 -13.03 12.57 -12.58
C GLY A 15 -13.37 11.42 -13.51
N SER A 16 -12.46 11.15 -14.43
CA SER A 16 -12.62 10.02 -15.34
C SER A 16 -11.41 9.11 -15.21
N ALA A 17 -11.60 7.83 -15.50
CA ALA A 17 -10.56 6.82 -15.29
C ALA A 17 -9.38 6.95 -16.24
N PHE A 18 -8.19 6.81 -15.71
CA PHE A 18 -6.99 6.71 -16.53
C PHE A 18 -6.20 5.46 -16.15
N ASP A 19 -5.38 4.99 -17.10
CA ASP A 19 -4.61 3.76 -16.93
C ASP A 19 -3.52 3.76 -17.98
N MET A 20 -2.26 3.95 -17.56
CA MET A 20 -1.17 3.90 -18.54
C MET A 20 -0.65 2.51 -18.75
N GLY A 21 -1.02 1.58 -17.87
CA GLY A 21 -0.47 0.23 -17.89
C GLY A 21 0.93 0.24 -17.32
N PRO A 22 1.61 -0.94 -17.30
CA PRO A 22 2.99 -1.00 -16.83
C PRO A 22 3.99 -0.55 -17.89
N ALA A 23 5.10 0.03 -17.45
CA ALA A 23 6.15 0.52 -18.34
C ALA A 23 7.36 -0.38 -18.22
N TYR A 24 8.22 -0.37 -19.23
CA TYR A 24 9.52 -1.00 -19.09
C TYR A 24 10.36 -0.27 -18.04
N ARG A 25 10.31 1.06 -18.09
CA ARG A 25 11.12 1.92 -17.24
C ARG A 25 10.40 3.26 -17.08
N ILE A 26 10.29 3.75 -15.84
CA ILE A 26 9.83 5.13 -15.61
C ILE A 26 11.04 6.08 -15.78
N ILE A 27 10.91 7.05 -16.68
CA ILE A 27 11.99 8.01 -16.91
C ILE A 27 11.85 9.18 -15.94
N SER A 28 10.66 9.78 -15.90
CA SER A 28 10.41 10.89 -15.02
C SER A 28 8.96 10.96 -14.59
N VAL A 29 8.74 11.58 -13.44
CA VAL A 29 7.40 11.88 -12.93
C VAL A 29 7.40 13.38 -12.59
N LYS A 30 6.42 14.09 -13.13
CA LYS A 30 6.28 15.51 -12.87
C LYS A 30 4.95 15.71 -12.18
N ILE A 31 5.00 16.16 -10.94
CA ILE A 31 3.80 16.38 -10.16
C ILE A 31 3.48 17.86 -10.15
N PHE A 32 2.31 18.20 -10.68
CA PHE A 32 1.82 19.57 -10.66
C PHE A 32 0.93 19.76 -9.44
N SER A 33 1.28 20.73 -8.58
CA SER A 33 0.51 20.99 -7.37
C SER A 33 0.45 22.46 -6.95
N GLY A 34 -0.61 22.79 -6.23
CA GLY A 34 -0.73 24.06 -5.52
C GLY A 34 -1.28 23.70 -4.15
N ASP A 35 -2.52 24.09 -3.90
CA ASP A 35 -3.28 23.67 -2.73
C ASP A 35 -3.47 22.18 -2.73
N VAL A 36 -3.58 21.62 -3.93
CA VAL A 36 -3.97 20.24 -4.13
C VAL A 36 -3.08 19.64 -5.22
N VAL A 37 -3.15 18.33 -5.43
CA VAL A 37 -2.45 17.72 -6.56
C VAL A 37 -3.30 17.85 -7.83
N ASP A 38 -2.81 18.66 -8.76
CA ASP A 38 -3.54 18.99 -9.96
C ASP A 38 -3.40 17.91 -11.02
N ALA A 39 -2.19 17.38 -11.13
CA ALA A 39 -1.84 16.56 -12.27
C ALA A 39 -0.49 15.89 -12.13
N VAL A 40 -0.26 14.92 -13.01
CA VAL A 40 1.00 14.21 -13.09
C VAL A 40 1.35 13.99 -14.56
N ASP A 41 2.61 14.28 -14.91
CA ASP A 41 3.19 13.84 -16.18
C ASP A 41 4.10 12.65 -15.92
N VAL A 42 3.91 11.58 -16.66
CA VAL A 42 4.80 10.42 -16.55
C VAL A 42 5.44 10.16 -17.91
N THR A 43 6.77 10.15 -17.92
CA THR A 43 7.54 9.80 -19.11
C THR A 43 8.20 8.44 -18.89
N PHE A 44 8.09 7.58 -19.89
CA PHE A 44 8.44 6.18 -19.70
C PHE A 44 8.74 5.50 -21.03
N THR A 45 9.49 4.40 -20.97
CA THR A 45 9.73 3.57 -22.15
C THR A 45 8.83 2.34 -22.17
N TYR A 46 8.61 1.81 -23.37
CA TYR A 46 7.56 0.84 -23.61
C TYR A 46 7.83 0.20 -24.95
N TYR A 47 8.38 -1.01 -24.92
CA TYR A 47 8.62 -1.81 -26.12
C TYR A 47 9.43 -1.08 -27.22
N GLY A 48 10.41 -0.31 -26.74
CA GLY A 48 11.35 0.39 -27.62
C GLY A 48 10.98 1.83 -27.85
N LYS A 49 9.82 2.22 -27.33
CA LYS A 49 9.27 3.56 -27.51
C LYS A 49 9.32 4.38 -26.22
N THR A 50 9.51 5.69 -26.39
CA THR A 50 9.45 6.63 -25.29
C THR A 50 8.11 7.37 -25.38
N GLU A 51 7.39 7.39 -24.26
CA GLU A 51 6.02 7.91 -24.19
C GLU A 51 5.88 8.85 -23.01
N THR A 52 5.04 9.87 -23.17
CA THR A 52 4.65 10.75 -22.06
C THR A 52 3.12 10.77 -21.96
N ARG A 53 2.62 10.57 -20.74
CA ARG A 53 1.20 10.70 -20.47
C ARG A 53 0.95 11.79 -19.43
N HIS A 54 -0.16 12.52 -19.59
CA HIS A 54 -0.59 13.48 -18.59
C HIS A 54 -1.91 13.06 -17.96
N PHE A 55 -1.96 13.10 -16.63
CA PHE A 55 -3.15 12.77 -15.87
C PHE A 55 -3.54 13.94 -14.98
N GLY A 56 -4.84 14.24 -14.92
CA GLY A 56 -5.32 15.37 -14.13
C GLY A 56 -5.43 16.64 -14.97
N GLY A 57 -5.43 17.79 -14.31
CA GLY A 57 -5.66 19.08 -14.98
C GLY A 57 -4.42 19.88 -15.31
N SER A 58 -4.62 21.17 -15.62
CA SER A 58 -3.56 22.02 -16.15
C SER A 58 -2.97 23.00 -15.14
N GLY A 59 -3.59 23.06 -13.96
CA GLY A 59 -3.15 23.97 -12.89
C GLY A 59 -1.94 23.48 -12.13
N GLY A 60 -1.52 24.26 -11.14
CA GLY A 60 -0.43 23.88 -10.25
C GLY A 60 0.96 24.23 -10.73
N THR A 61 1.92 24.06 -9.82
CA THR A 61 3.34 24.25 -10.09
C THR A 61 4.00 22.86 -10.23
N PRO A 62 4.81 22.65 -11.29
CA PRO A 62 5.49 21.36 -11.51
C PRO A 62 6.66 21.04 -10.56
N HIS A 63 6.72 19.80 -10.09
CA HIS A 63 7.86 19.28 -9.32
C HIS A 63 8.31 17.97 -9.95
N GLU A 64 9.51 17.98 -10.54
CA GLU A 64 9.97 16.85 -11.34
C GLU A 64 10.86 15.86 -10.57
N ILE A 65 10.59 14.59 -10.81
CA ILE A 65 11.42 13.49 -10.34
C ILE A 65 12.01 12.83 -11.58
N VAL A 66 13.30 13.03 -11.80
CA VAL A 66 14.00 12.39 -12.91
C VAL A 66 14.78 11.22 -12.32
N LEU A 67 14.49 10.02 -12.82
CA LEU A 67 15.15 8.81 -12.35
C LEU A 67 16.38 8.49 -13.20
N GLN A 68 17.51 8.34 -12.52
CA GLN A 68 18.76 7.94 -13.16
C GLN A 68 18.81 6.44 -13.44
N GLU A 69 19.94 5.98 -13.98
CA GLU A 69 20.14 4.56 -14.32
C GLU A 69 20.14 3.71 -13.05
N GLY A 70 19.33 2.65 -13.07
CA GLY A 70 19.21 1.75 -11.91
C GLY A 70 18.53 2.39 -10.71
N GLU A 71 17.88 3.53 -10.93
CA GLU A 71 17.06 4.18 -9.92
C GLU A 71 15.61 3.83 -10.22
N TYR A 72 14.88 3.40 -9.18
N TYR A 72 14.87 3.44 -9.18
CA TYR A 72 13.48 3.00 -9.32
CA TYR A 72 13.48 3.02 -9.36
C TYR A 72 12.62 3.62 -8.23
C TYR A 72 12.59 3.48 -8.20
N LEU A 73 11.32 3.70 -8.49
CA LEU A 73 10.35 4.16 -7.51
C LEU A 73 9.98 3.02 -6.55
N VAL A 74 10.27 3.22 -5.27
CA VAL A 74 10.07 2.19 -4.23
C VAL A 74 9.09 2.64 -3.14
N GLY A 75 8.35 3.71 -3.43
CA GLY A 75 7.41 4.24 -2.46
C GLY A 75 6.57 5.36 -3.01
N MET A 76 5.31 5.38 -2.57
CA MET A 76 4.39 6.47 -2.85
C MET A 76 3.59 6.74 -1.58
N LYS A 77 3.42 8.01 -1.24
CA LYS A 77 2.65 8.41 -0.06
C LYS A 77 1.89 9.68 -0.36
N GLY A 78 0.82 9.92 0.38
CA GLY A 78 0.08 11.15 0.21
C GLY A 78 -1.14 11.28 1.09
N GLU A 79 -2.00 12.22 0.73
CA GLU A 79 -3.23 12.49 1.48
C GLU A 79 -4.34 12.81 0.50
N PHE A 80 -5.54 12.35 0.84
CA PHE A 80 -6.72 12.64 0.03
C PHE A 80 -7.87 13.15 0.89
N GLY A 81 -8.68 14.03 0.31
CA GLY A 81 -9.78 14.63 1.06
C GLY A 81 -10.59 15.58 0.21
N ASN A 82 -11.67 16.08 0.81
CA ASN A 82 -12.59 16.96 0.13
C ASN A 82 -12.05 18.38 -0.01
N TYR A 83 -11.79 18.77 -1.25
CA TYR A 83 -11.35 20.11 -1.58
C TYR A 83 -12.43 20.76 -2.41
N HIS A 84 -13.28 21.52 -1.73
CA HIS A 84 -14.34 22.31 -2.36
C HIS A 84 -15.33 21.50 -3.22
N GLY A 85 -15.67 20.30 -2.75
CA GLY A 85 -16.70 19.48 -3.41
C GLY A 85 -16.23 18.17 -4.00
N VAL A 86 -14.92 18.00 -4.17
CA VAL A 86 -14.38 16.77 -4.74
C VAL A 86 -13.29 16.18 -3.84
N VAL A 87 -13.39 14.88 -3.58
CA VAL A 87 -12.35 14.14 -2.89
C VAL A 87 -11.18 13.90 -3.87
N VAL A 88 -10.06 14.59 -3.63
CA VAL A 88 -8.89 14.53 -4.50
C VAL A 88 -7.60 14.30 -3.69
N VAL A 89 -6.52 13.94 -4.37
CA VAL A 89 -5.22 13.90 -3.73
C VAL A 89 -4.78 15.34 -3.40
N GLY A 90 -4.71 15.65 -2.10
CA GLY A 90 -4.21 16.93 -1.63
C GLY A 90 -2.71 17.00 -1.43
N LYS A 91 -2.08 15.84 -1.22
CA LYS A 91 -0.62 15.72 -1.13
C LYS A 91 -0.15 14.43 -1.81
N LEU A 92 0.99 14.49 -2.48
CA LEU A 92 1.56 13.34 -3.16
C LEU A 92 3.09 13.37 -3.14
N GLY A 93 3.68 12.26 -2.70
CA GLY A 93 5.12 12.10 -2.68
C GLY A 93 5.54 10.74 -3.21
N PHE A 94 6.81 10.66 -3.60
CA PHE A 94 7.42 9.43 -4.07
C PHE A 94 8.80 9.28 -3.43
N SER A 95 9.25 8.05 -3.29
CA SER A 95 10.65 7.81 -2.98
C SER A 95 11.28 6.83 -3.96
N THR A 96 12.54 7.07 -4.25
CA THR A 96 13.34 6.16 -5.04
C THR A 96 14.27 5.42 -4.08
N ASN A 97 15.06 4.51 -4.63
CA ASN A 97 16.04 3.78 -3.83
C ASN A 97 17.22 4.65 -3.45
N LYS A 98 17.21 5.91 -3.92
CA LYS A 98 18.28 6.86 -3.65
C LYS A 98 17.80 8.09 -2.85
N LYS A 99 16.54 8.49 -3.07
CA LYS A 99 16.07 9.79 -2.59
C LYS A 99 14.55 9.85 -2.35
N SER A 100 14.16 10.73 -1.44
CA SER A 100 12.76 11.00 -1.13
C SER A 100 12.31 12.30 -1.80
N TYR A 101 11.09 12.31 -2.33
CA TYR A 101 10.53 13.51 -2.97
C TYR A 101 9.18 13.93 -2.41
N GLY A 102 9.05 15.22 -2.13
CA GLY A 102 7.82 15.79 -1.62
C GLY A 102 7.55 15.47 -0.17
N PRO A 103 6.27 15.31 0.21
CA PRO A 103 5.09 15.37 -0.67
C PRO A 103 4.81 16.77 -1.22
N PHE A 104 4.09 16.81 -2.33
CA PHE A 104 3.72 18.06 -3.00
C PHE A 104 2.20 18.24 -2.90
N GLY A 105 1.78 19.47 -2.60
CA GLY A 105 0.39 19.77 -2.28
C GLY A 105 0.30 20.21 -0.83
N ASN A 106 -0.70 21.04 -0.52
CA ASN A 106 -0.81 21.69 0.78
C ASN A 106 -2.10 21.37 1.54
N THR A 107 -2.89 20.43 1.05
CA THR A 107 -4.16 20.10 1.70
C THR A 107 -4.14 18.73 2.37
N GLY A 108 -4.19 18.77 3.69
CA GLY A 108 -4.23 17.55 4.49
C GLY A 108 -5.57 16.84 4.37
N GLY A 109 -5.54 15.52 4.55
CA GLY A 109 -6.75 14.72 4.58
C GLY A 109 -6.45 13.37 5.18
N THR A 110 -6.95 12.32 4.54
CA THR A 110 -6.71 10.95 4.97
C THR A 110 -5.39 10.48 4.38
N PRO A 111 -4.43 10.12 5.24
CA PRO A 111 -3.14 9.62 4.79
C PRO A 111 -3.21 8.25 4.13
N PHE A 112 -2.30 8.04 3.19
CA PHE A 112 -2.01 6.72 2.66
C PHE A 112 -0.50 6.61 2.43
N SER A 113 0.02 5.40 2.49
CA SER A 113 1.44 5.17 2.31
C SER A 113 1.65 3.81 1.66
N LEU A 114 2.58 3.76 0.71
CA LEU A 114 2.95 2.50 0.10
C LEU A 114 4.48 2.34 0.06
N PRO A 115 5.05 1.81 1.16
CA PRO A 115 6.46 1.46 1.12
C PRO A 115 6.60 0.13 0.37
N ILE A 116 7.61 0.05 -0.50
CA ILE A 116 7.84 -1.15 -1.28
C ILE A 116 9.16 -1.78 -0.86
N ALA A 117 9.06 -2.81 -0.02
CA ALA A 117 10.22 -3.49 0.54
C ALA A 117 10.96 -4.32 -0.52
N ALA A 118 10.19 -4.89 -1.45
CA ALA A 118 10.75 -5.58 -2.61
C ALA A 118 9.88 -5.32 -3.85
N GLY A 119 10.52 -4.94 -4.95
CA GLY A 119 9.78 -4.53 -6.13
C GLY A 119 9.83 -3.03 -6.40
N LYS A 120 9.08 -2.60 -7.41
CA LYS A 120 9.13 -1.23 -7.90
C LYS A 120 7.80 -0.81 -8.51
N ILE A 121 7.55 0.49 -8.53
CA ILE A 121 6.43 1.05 -9.28
C ILE A 121 6.81 1.01 -10.77
N SER A 122 5.93 0.44 -11.59
CA SER A 122 6.16 0.36 -13.03
C SER A 122 5.12 1.12 -13.87
N GLY A 123 4.12 1.72 -13.23
CA GLY A 123 3.04 2.36 -13.96
C GLY A 123 1.96 2.89 -13.05
N PHE A 124 1.00 3.61 -13.63
CA PHE A 124 -0.06 4.28 -12.86
C PHE A 124 -1.45 4.02 -13.42
N PHE A 125 -2.44 4.13 -12.55
CA PHE A 125 -3.86 4.17 -12.93
C PHE A 125 -4.57 5.04 -11.91
N GLY A 126 -5.85 5.32 -12.14
CA GLY A 126 -6.60 6.16 -11.21
C GLY A 126 -7.66 6.98 -11.92
N ARG A 127 -7.92 8.16 -11.38
CA ARG A 127 -8.96 9.05 -11.89
C ARG A 127 -8.47 10.50 -11.92
N GLY A 128 -8.85 11.22 -12.97
CA GLY A 128 -8.43 12.59 -13.12
C GLY A 128 -9.51 13.45 -13.77
N GLY A 129 -9.53 14.72 -13.38
CA GLY A 129 -10.44 15.71 -13.97
C GLY A 129 -9.71 17.04 -13.97
N ASP A 130 -10.24 17.99 -13.20
CA ASP A 130 -9.57 19.26 -12.91
C ASP A 130 -8.31 19.01 -12.08
N PHE A 131 -8.42 18.14 -11.10
CA PHE A 131 -7.30 17.73 -10.23
C PHE A 131 -7.05 16.21 -10.35
N ILE A 132 -6.09 15.69 -9.59
CA ILE A 132 -5.88 14.23 -9.51
C ILE A 132 -6.78 13.64 -8.41
N ASP A 133 -7.93 13.13 -8.83
CA ASP A 133 -8.93 12.56 -7.91
C ASP A 133 -8.40 11.35 -7.15
N ALA A 134 -7.71 10.46 -7.87
CA ALA A 134 -7.24 9.20 -7.31
C ALA A 134 -6.01 8.72 -8.07
N ILE A 135 -5.12 8.03 -7.36
CA ILE A 135 -3.94 7.48 -7.97
C ILE A 135 -3.63 6.10 -7.41
N GLY A 136 -3.30 5.20 -8.33
CA GLY A 136 -2.92 3.83 -7.99
C GLY A 136 -1.69 3.44 -8.79
N VAL A 137 -1.16 2.26 -8.50
CA VAL A 137 0.17 1.89 -8.97
C VAL A 137 0.26 0.42 -9.44
N TYR A 138 0.90 0.21 -10.59
CA TYR A 138 1.34 -1.13 -11.02
C TYR A 138 2.63 -1.48 -10.29
N LEU A 139 2.75 -2.74 -9.88
CA LEU A 139 3.95 -3.21 -9.19
C LEU A 139 4.55 -4.39 -9.92
N GLU A 140 5.88 -4.42 -10.00
CA GLU A 140 6.58 -5.61 -10.44
C GLU A 140 7.86 -5.87 -9.64
N PRO A 141 8.45 -7.08 -9.77
CA PRO A 141 9.60 -7.46 -8.95
C PRO A 141 10.84 -6.64 -9.25
N ASN B 2 14.12 -14.80 -6.58
CA ASN B 2 12.75 -15.06 -6.05
C ASN B 2 11.64 -14.37 -6.86
N GLY B 3 11.77 -13.06 -7.10
CA GLY B 3 10.73 -12.29 -7.78
C GLY B 3 9.60 -11.80 -6.87
N ALA B 4 9.85 -11.80 -5.58
CA ALA B 4 8.86 -11.39 -4.59
C ALA B 4 8.49 -9.91 -4.73
N ILE B 5 7.23 -9.62 -4.44
CA ILE B 5 6.78 -8.25 -4.26
C ILE B 5 6.28 -8.11 -2.83
N LYS B 6 6.93 -7.22 -2.08
CA LYS B 6 6.61 -6.99 -0.67
C LYS B 6 6.34 -5.52 -0.44
N VAL B 7 5.15 -5.24 0.09
CA VAL B 7 4.75 -3.88 0.43
C VAL B 7 4.49 -3.78 1.93
N GLY B 8 4.83 -2.62 2.50
CA GLY B 8 4.92 -2.44 3.93
C GLY B 8 6.37 -2.50 4.37
N ALA B 9 6.63 -2.71 5.65
CA ALA B 9 5.60 -2.90 6.66
C ALA B 9 5.05 -1.57 7.17
N TRP B 10 3.82 -1.60 7.65
CA TRP B 10 3.21 -0.45 8.30
C TRP B 10 3.25 -0.67 9.81
N GLY B 11 3.64 0.37 10.54
CA GLY B 11 3.71 0.33 11.99
C GLY B 11 5.01 0.90 12.54
N GLY B 12 5.40 0.47 13.73
CA GLY B 12 6.60 0.99 14.38
C GLY B 12 7.88 0.20 14.11
N ASN B 13 8.99 0.75 14.62
CA ASN B 13 10.31 0.16 14.43
C ASN B 13 10.74 -0.74 15.57
N GLY B 14 9.86 -0.90 16.56
CA GLY B 14 10.15 -1.75 17.72
C GLY B 14 9.98 -3.22 17.41
N GLY B 15 10.19 -4.06 18.43
CA GLY B 15 10.04 -5.51 18.31
C GLY B 15 11.15 -6.15 17.49
N SER B 16 10.91 -7.39 17.05
CA SER B 16 11.85 -8.11 16.20
C SER B 16 11.20 -8.48 14.87
N ALA B 17 11.98 -8.41 13.80
CA ALA B 17 11.52 -8.73 12.45
C ALA B 17 11.04 -10.18 12.33
N PHE B 18 9.89 -10.37 11.70
CA PHE B 18 9.46 -11.69 11.28
C PHE B 18 9.19 -11.68 9.77
N ASP B 19 9.22 -12.86 9.15
CA ASP B 19 9.04 -12.99 7.71
C ASP B 19 8.67 -14.43 7.38
N MET B 20 7.40 -14.69 7.10
CA MET B 20 7.01 -16.07 6.74
C MET B 20 7.32 -16.46 5.30
N GLY B 21 7.59 -15.46 4.46
CA GLY B 21 7.76 -15.69 3.02
C GLY B 21 6.42 -15.88 2.34
N PRO B 22 6.43 -16.14 1.01
CA PRO B 22 5.17 -16.38 0.33
C PRO B 22 4.66 -17.82 0.55
N ALA B 23 3.35 -18.00 0.49
CA ALA B 23 2.74 -19.31 0.65
C ALA B 23 2.09 -19.74 -0.66
N TYR B 24 1.96 -21.05 -0.84
CA TYR B 24 1.18 -21.58 -1.95
C TYR B 24 -0.29 -21.21 -1.72
N ARG B 25 -0.74 -21.36 -0.48
CA ARG B 25 -2.11 -21.05 -0.11
C ARG B 25 -2.19 -20.65 1.37
N ILE B 26 -2.68 -19.44 1.63
CA ILE B 26 -3.07 -19.03 2.97
C ILE B 26 -4.39 -19.74 3.30
N ILE B 27 -4.42 -20.48 4.40
CA ILE B 27 -5.61 -21.21 4.81
C ILE B 27 -6.45 -20.37 5.74
N SER B 28 -5.81 -19.80 6.76
CA SER B 28 -6.50 -18.98 7.73
C SER B 28 -5.58 -17.95 8.36
N VAL B 29 -6.17 -16.84 8.78
CA VAL B 29 -5.48 -15.78 9.49
C VAL B 29 -6.22 -15.55 10.81
N LYS B 30 -5.49 -15.56 11.91
CA LYS B 30 -6.07 -15.34 13.22
C LYS B 30 -5.43 -14.10 13.83
N ILE B 31 -6.24 -13.06 14.01
CA ILE B 31 -5.79 -11.80 14.61
C ILE B 31 -6.14 -11.77 16.08
N PHE B 32 -5.12 -11.69 16.93
CA PHE B 32 -5.33 -11.52 18.37
C PHE B 32 -5.41 -10.05 18.68
N SER B 33 -6.43 -9.67 19.44
CA SER B 33 -6.82 -8.27 19.53
C SER B 33 -7.46 -7.89 20.86
N GLY B 34 -7.07 -6.73 21.39
CA GLY B 34 -7.75 -6.10 22.53
C GLY B 34 -7.88 -4.61 22.24
N ASP B 35 -7.22 -3.81 23.08
CA ASP B 35 -7.07 -2.37 22.83
C ASP B 35 -6.32 -2.14 21.52
N VAL B 36 -5.42 -3.07 21.23
CA VAL B 36 -4.43 -2.94 20.18
C VAL B 36 -4.36 -4.29 19.45
N VAL B 37 -3.63 -4.35 18.34
CA VAL B 37 -3.41 -5.64 17.69
C VAL B 37 -2.22 -6.31 18.39
N ASP B 38 -2.50 -7.44 19.04
CA ASP B 38 -1.48 -8.16 19.80
C ASP B 38 -0.64 -9.05 18.90
N ALA B 39 -1.29 -9.72 17.96
CA ALA B 39 -0.64 -10.78 17.22
C ALA B 39 -1.44 -11.24 16.04
N VAL B 40 -0.79 -12.07 15.23
CA VAL B 40 -1.37 -12.67 14.05
C VAL B 40 -0.78 -14.07 13.92
N ASP B 41 -1.66 -15.07 13.86
CA ASP B 41 -1.26 -16.42 13.48
C ASP B 41 -1.68 -16.66 12.05
N VAL B 42 -0.79 -17.27 11.28
CA VAL B 42 -1.06 -17.58 9.89
C VAL B 42 -0.89 -19.08 9.70
N THR B 43 -1.95 -19.72 9.18
CA THR B 43 -1.92 -21.13 8.81
C THR B 43 -1.90 -21.22 7.30
N PHE B 44 -0.92 -21.95 6.77
CA PHE B 44 -0.67 -21.99 5.34
C PHE B 44 -0.02 -23.29 4.90
N THR B 45 -0.01 -23.54 3.59
CA THR B 45 0.71 -24.67 3.02
C THR B 45 1.97 -24.19 2.30
N TYR B 46 3.10 -24.84 2.59
CA TYR B 46 4.38 -24.59 1.91
C TYR B 46 5.26 -25.83 1.94
CA TYR B 47 6.17 -27.36 -1.51
C TYR B 47 4.75 -27.33 -0.92
N GLY B 48 4.35 -28.43 -0.30
CA GLY B 48 2.99 -28.57 0.23
C GLY B 48 2.86 -29.21 1.60
N LYS B 49 3.40 -28.54 2.62
CA LYS B 49 3.18 -28.94 4.01
C LYS B 49 2.48 -27.84 4.80
N THR B 50 1.58 -28.24 5.70
CA THR B 50 0.79 -27.30 6.49
C THR B 50 1.53 -26.83 7.74
N GLU B 51 1.82 -25.53 7.78
CA GLU B 51 2.48 -24.88 8.92
C GLU B 51 1.61 -23.74 9.42
N THR B 52 1.73 -23.41 10.71
CA THR B 52 1.18 -22.16 11.21
C THR B 52 2.28 -21.38 11.94
N ARG B 53 2.38 -20.10 11.62
CA ARG B 53 3.37 -19.24 12.24
C ARG B 53 2.73 -18.32 13.28
N HIS B 54 3.49 -17.98 14.33
CA HIS B 54 2.95 -17.23 15.45
C HIS B 54 3.67 -15.90 15.64
N PHE B 55 3.03 -14.84 15.15
CA PHE B 55 3.62 -13.50 15.11
C PHE B 55 2.99 -12.57 16.16
N GLY B 56 3.76 -11.58 16.60
CA GLY B 56 3.31 -10.66 17.64
C GLY B 56 3.25 -11.39 18.97
N GLY B 57 2.41 -10.90 19.87
CA GLY B 57 2.21 -11.53 21.19
C GLY B 57 0.92 -12.33 21.31
N SER B 58 0.68 -12.87 22.49
CA SER B 58 -0.44 -13.79 22.68
C SER B 58 -1.60 -13.20 23.49
N GLY B 59 -1.56 -11.89 23.74
CA GLY B 59 -2.64 -11.22 24.46
C GLY B 59 -3.88 -11.09 23.59
N GLY B 60 -4.90 -10.43 24.13
CA GLY B 60 -6.12 -10.13 23.38
C GLY B 60 -6.99 -11.33 23.07
N THR B 61 -8.01 -11.10 22.24
CA THR B 61 -8.96 -12.12 21.82
C THR B 61 -8.68 -12.50 20.36
N PRO B 62 -8.63 -13.80 20.05
CA PRO B 62 -8.45 -14.26 18.68
C PRO B 62 -9.67 -13.99 17.79
N HIS B 63 -9.41 -13.56 16.56
CA HIS B 63 -10.45 -13.37 15.55
C HIS B 63 -9.98 -14.03 14.26
N GLU B 64 -10.64 -15.12 13.89
CA GLU B 64 -10.17 -16.00 12.82
C GLU B 64 -10.86 -15.77 11.48
N ILE B 65 -10.05 -15.65 10.43
CA ILE B 65 -10.52 -15.56 9.05
C ILE B 65 -10.16 -16.88 8.36
N VAL B 66 -11.16 -17.72 8.15
CA VAL B 66 -10.96 -18.98 7.45
C VAL B 66 -11.30 -18.79 5.98
N LEU B 67 -10.31 -18.96 5.11
CA LEU B 67 -10.51 -18.75 3.69
C LEU B 67 -11.08 -20.00 3.03
N GLN B 68 -12.23 -19.84 2.39
CA GLN B 68 -12.86 -20.92 1.65
C GLN B 68 -12.13 -21.14 0.32
N GLU B 69 -12.56 -22.16 -0.42
CA GLU B 69 -11.96 -22.47 -1.72
C GLU B 69 -12.33 -21.38 -2.74
N GLY B 70 -11.31 -20.76 -3.32
CA GLY B 70 -11.50 -19.67 -4.28
C GLY B 70 -11.56 -18.30 -3.61
N GLU B 71 -11.41 -18.28 -2.29
CA GLU B 71 -11.40 -17.04 -1.52
C GLU B 71 -9.96 -16.63 -1.21
N TYR B 72 -9.61 -15.40 -1.59
CA TYR B 72 -8.26 -14.86 -1.42
C TYR B 72 -8.28 -13.48 -0.77
N LEU B 73 -7.22 -13.15 -0.05
CA LEU B 73 -7.09 -11.83 0.58
C LEU B 73 -6.71 -10.78 -0.45
N VAL B 74 -7.58 -9.77 -0.60
CA VAL B 74 -7.41 -8.73 -1.63
C VAL B 74 -7.35 -7.32 -1.05
N GLY B 75 -7.16 -7.22 0.27
CA GLY B 75 -7.11 -5.94 0.94
C GLY B 75 -6.65 -6.03 2.38
N MET B 76 -5.88 -5.03 2.80
N MET B 76 -5.91 -5.02 2.81
CA MET B 76 -5.49 -4.87 4.19
CA MET B 76 -5.49 -4.89 4.20
C MET B 76 -5.54 -3.39 4.54
C MET B 76 -5.45 -3.42 4.60
N LYS B 77 -6.06 -3.09 5.72
CA LYS B 77 -6.08 -1.74 6.23
C LYS B 77 -5.91 -1.75 7.75
N GLY B 78 -5.62 -0.59 8.31
CA GLY B 78 -5.54 -0.45 9.74
C GLY B 78 -5.05 0.91 10.16
N GLU B 79 -4.57 0.98 11.39
CA GLU B 79 -4.04 2.20 11.96
C GLU B 79 -2.89 1.84 12.85
N PHE B 80 -1.88 2.70 12.90
CA PHE B 80 -0.79 2.53 13.84
C PHE B 80 -0.60 3.79 14.68
N GLY B 81 -0.23 3.60 15.93
CA GLY B 81 -0.04 4.71 16.84
C GLY B 81 0.57 4.29 18.14
N ASN B 82 0.81 5.27 19.00
CA ASN B 82 1.42 5.04 20.30
C ASN B 82 0.47 4.32 21.25
N TYR B 83 1.00 3.27 21.88
CA TYR B 83 0.31 2.55 22.94
C TYR B 83 1.34 2.26 24.02
N HIS B 84 1.32 3.07 25.08
CA HIS B 84 2.22 2.93 26.23
C HIS B 84 3.71 3.04 25.82
N GLY B 85 4.01 4.06 25.03
CA GLY B 85 5.37 4.36 24.61
C GLY B 85 5.89 3.57 23.42
N VAL B 86 5.00 2.80 22.80
CA VAL B 86 5.38 1.94 21.67
C VAL B 86 4.46 2.20 20.49
N VAL B 87 5.03 2.34 19.29
CA VAL B 87 4.23 2.51 18.07
C VAL B 87 3.91 1.13 17.48
N VAL B 88 2.63 0.76 17.55
CA VAL B 88 2.17 -0.56 17.14
C VAL B 88 0.88 -0.42 16.34
N VAL B 89 0.48 -1.50 15.66
CA VAL B 89 -0.82 -1.53 15.00
C VAL B 89 -1.96 -1.50 16.03
N GLY B 90 -2.76 -0.43 15.98
CA GLY B 90 -3.89 -0.28 16.88
C GLY B 90 -5.14 -0.94 16.33
N LYS B 91 -5.23 -0.97 15.00
CA LYS B 91 -6.36 -1.60 14.30
C LYS B 91 -5.86 -2.33 13.05
N LEU B 92 -6.48 -3.47 12.74
CA LEU B 92 -6.14 -4.26 11.54
C LEU B 92 -7.37 -4.96 10.98
N GLY B 93 -7.58 -4.80 9.67
CA GLY B 93 -8.65 -5.48 8.97
C GLY B 93 -8.16 -6.06 7.65
N PHE B 94 -8.89 -7.05 7.15
CA PHE B 94 -8.63 -7.63 5.84
C PHE B 94 -9.92 -7.74 5.07
N SER B 95 -9.84 -7.64 3.76
CA SER B 95 -10.96 -8.02 2.94
C SER B 95 -10.57 -9.12 1.96
N THR B 96 -11.54 -9.96 1.63
CA THR B 96 -11.37 -11.01 0.65
C THR B 96 -12.25 -10.68 -0.54
N ASN B 97 -12.17 -11.51 -1.59
CA ASN B 97 -13.04 -11.35 -2.75
C ASN B 97 -14.51 -11.65 -2.43
N LYS B 98 -14.78 -12.07 -1.19
CA LYS B 98 -16.12 -12.46 -0.76
C LYS B 98 -16.69 -11.56 0.34
N LYS B 99 -15.86 -11.22 1.33
CA LYS B 99 -16.31 -10.59 2.57
C LYS B 99 -15.25 -9.67 3.17
N SER B 100 -15.68 -8.75 4.03
CA SER B 100 -14.78 -7.88 4.77
C SER B 100 -14.66 -8.36 6.21
N TYR B 101 -13.48 -8.18 6.79
CA TYR B 101 -13.20 -8.64 8.16
C TYR B 101 -12.55 -7.54 8.98
N GLY B 102 -13.06 -7.35 10.19
CA GLY B 102 -12.51 -6.33 11.09
C GLY B 102 -13.01 -4.94 10.77
N PRO B 103 -12.21 -3.90 11.10
CA PRO B 103 -10.92 -3.93 11.81
C PRO B 103 -11.02 -4.49 13.24
N PHE B 104 -9.92 -5.07 13.70
CA PHE B 104 -9.80 -5.59 15.06
C PHE B 104 -8.78 -4.72 15.82
N GLY B 105 -9.09 -4.43 17.08
CA GLY B 105 -8.32 -3.46 17.86
C GLY B 105 -9.08 -2.16 18.04
N ASN B 106 -8.80 -1.47 19.14
CA ASN B 106 -9.59 -0.29 19.54
C ASN B 106 -8.80 1.02 19.68
N THR B 107 -7.56 1.03 19.20
CA THR B 107 -6.71 2.23 19.31
C THR B 107 -6.51 2.94 17.97
N GLY B 108 -7.04 4.15 17.89
CA GLY B 108 -6.88 5.02 16.73
C GLY B 108 -5.46 5.51 16.54
N GLY B 109 -5.10 5.81 15.31
CA GLY B 109 -3.79 6.33 14.99
C GLY B 109 -3.71 6.71 13.53
N THR B 110 -2.53 6.53 12.93
CA THR B 110 -2.34 6.86 11.53
C THR B 110 -2.89 5.72 10.67
N PRO B 111 -3.91 6.02 9.84
CA PRO B 111 -4.47 5.01 8.95
C PRO B 111 -3.53 4.60 7.82
N PHE B 112 -3.60 3.33 7.46
CA PHE B 112 -3.06 2.86 6.22
C PHE B 112 -4.11 1.99 5.55
N SER B 113 -3.98 1.82 4.24
CA SER B 113 -4.93 1.06 3.45
C SER B 113 -4.19 0.49 2.26
N LEU B 114 -4.51 -0.75 1.93
CA LEU B 114 -3.95 -1.41 0.76
C LEU B 114 -5.08 -2.07 -0.01
N PRO B 115 -5.77 -1.30 -0.87
CA PRO B 115 -6.69 -1.98 -1.78
C PRO B 115 -5.84 -2.60 -2.87
N ILE B 116 -6.15 -3.84 -3.23
CA ILE B 116 -5.45 -4.54 -4.29
C ILE B 116 -6.45 -4.70 -5.44
N ALA B 117 -6.27 -3.85 -6.46
CA ALA B 117 -7.16 -3.85 -7.63
C ALA B 117 -6.93 -5.07 -8.52
N ALA B 118 -5.71 -5.58 -8.50
CA ALA B 118 -5.37 -6.83 -9.20
C ALA B 118 -4.28 -7.56 -8.42
N GLY B 119 -4.51 -8.83 -8.13
CA GLY B 119 -3.56 -9.61 -7.36
C GLY B 119 -4.11 -9.97 -5.99
N LYS B 120 -3.26 -10.57 -5.17
CA LYS B 120 -3.66 -11.06 -3.87
C LYS B 120 -2.47 -11.14 -2.91
N ILE B 121 -2.78 -11.24 -1.63
CA ILE B 121 -1.80 -11.41 -0.57
C ILE B 121 -1.40 -12.88 -0.48
N SER B 122 -0.10 -13.13 -0.43
CA SER B 122 0.40 -14.51 -0.41
C SER B 122 1.26 -14.83 0.82
N GLY B 123 1.52 -13.83 1.65
CA GLY B 123 2.40 -14.01 2.81
C GLY B 123 2.51 -12.72 3.60
N PHE B 124 3.16 -12.82 4.77
CA PHE B 124 3.30 -11.70 5.68
C PHE B 124 4.73 -11.51 6.15
N PHE B 125 5.05 -10.28 6.52
CA PHE B 125 6.29 -9.98 7.24
C PHE B 125 5.99 -8.80 8.17
N GLY B 126 6.94 -8.45 9.03
CA GLY B 126 6.79 -7.26 9.86
C GLY B 126 7.66 -7.32 11.08
N ARG B 127 7.15 -6.76 12.18
CA ARG B 127 7.84 -6.75 13.46
C ARG B 127 6.84 -7.06 14.57
N GLY B 128 7.28 -7.85 15.55
CA GLY B 128 6.44 -8.23 16.68
C GLY B 128 7.23 -8.23 17.96
N GLY B 129 6.54 -7.91 19.06
CA GLY B 129 7.09 -8.00 20.40
C GLY B 129 6.01 -8.51 21.33
N ASP B 130 5.68 -7.71 22.34
CA ASP B 130 4.51 -7.92 23.18
C ASP B 130 3.25 -7.79 22.31
N PHE B 131 3.30 -6.87 21.34
CA PHE B 131 2.21 -6.64 20.40
C PHE B 131 2.71 -6.74 18.94
N ILE B 132 1.83 -6.42 17.98
CA ILE B 132 2.25 -6.39 16.57
C ILE B 132 2.70 -4.97 16.19
N ASP B 133 4.01 -4.74 16.24
CA ASP B 133 4.58 -3.43 15.92
C ASP B 133 4.33 -2.99 14.48
N ALA B 134 4.48 -3.92 13.55
CA ALA B 134 4.41 -3.61 12.12
C ALA B 134 3.97 -4.83 11.32
N ILE B 135 3.25 -4.59 10.23
CA ILE B 135 2.80 -5.65 9.33
C ILE B 135 2.94 -5.22 7.87
N GLY B 136 3.48 -6.13 7.06
CA GLY B 136 3.58 -5.96 5.63
C GLY B 136 3.12 -7.24 4.95
N VAL B 137 3.16 -7.23 3.63
CA VAL B 137 2.50 -8.28 2.87
C VAL B 137 3.25 -8.63 1.57
N TYR B 138 3.30 -9.92 1.25
CA TYR B 138 3.75 -10.39 -0.06
C TYR B 138 2.57 -10.34 -1.02
N LEU B 139 2.84 -9.94 -2.26
CA LEU B 139 1.81 -9.91 -3.30
C LEU B 139 2.14 -10.85 -4.47
N GLU B 140 1.10 -11.39 -5.09
CA GLU B 140 1.21 -12.17 -6.34
C GLU B 140 -0.08 -11.98 -7.16
N PRO B 141 -0.05 -12.30 -8.48
CA PRO B 141 -1.25 -12.13 -9.31
C PRO B 141 -2.44 -12.98 -8.86
C1 MAN C . -3.63 27.04 -6.24
C2 MAN C . -2.84 27.27 -7.53
C3 MAN C . -3.50 26.61 -8.75
C4 MAN C . -3.99 25.19 -8.47
C5 MAN C . -4.74 25.08 -7.14
C6 MAN C . -5.05 23.63 -6.77
O1 MAN C . -4.79 27.87 -6.23
O2 MAN C . -1.53 26.77 -7.36
O3 MAN C . -2.61 26.60 -9.84
O4 MAN C . -4.83 24.79 -9.52
O5 MAN C . -3.99 25.67 -6.09
O6 MAN C . -3.85 22.92 -6.53
C1 MAN D . -13.98 18.27 -12.43
C2 MAN D . -14.69 16.97 -12.79
C3 MAN D . -14.93 16.10 -11.56
C4 MAN D . -13.65 15.93 -10.75
C5 MAN D . -13.00 17.28 -10.44
C6 MAN D . -11.65 17.14 -9.73
O1 MAN D . -14.88 19.14 -11.76
O2 MAN D . -13.95 16.27 -13.77
O3 MAN D . -15.45 14.84 -11.91
O4 MAN D . -14.02 15.25 -9.57
O5 MAN D . -12.82 18.04 -11.63
O6 MAN D . -10.68 16.56 -10.58
C1 MAN E . 3.04 23.88 -4.50
C2 MAN E . 3.92 25.09 -4.22
C3 MAN E . 5.38 24.70 -4.02
C4 MAN E . 5.52 23.59 -2.97
C5 MAN E . 4.52 22.45 -3.18
C6 MAN E . 4.51 21.56 -1.96
O1 MAN E . 3.36 23.36 -5.78
O2 MAN E . 3.44 25.78 -3.09
O3 MAN E . 6.12 25.83 -3.63
O4 MAN E . 6.83 23.07 -2.97
O5 MAN E . 3.19 22.89 -3.48
O6 MAN E . 3.19 21.46 -1.47
ZN ZN F . 11.76 18.78 -16.97
O1 HEZ G . 3.01 3.66 -28.22
C1 HEZ G . 1.71 3.15 -28.56
C2 HEZ G . 0.75 3.37 -27.40
C3 HEZ G . 0.88 2.26 -26.37
C4 HEZ G . 1.54 2.75 -25.10
C5 HEZ G . 0.84 2.18 -23.87
C6 HEZ G . 1.18 3.00 -22.62
O6 HEZ G . -0.01 3.57 -22.08
O1 HEZ H . 5.90 5.28 3.15
C1 HEZ H . 6.60 5.33 1.89
C2 HEZ H . 6.88 6.78 1.57
C3 HEZ H . 7.24 6.95 0.10
C4 HEZ H . 6.84 8.33 -0.43
C5 HEZ H . 7.80 9.41 0.05
C6 HEZ H . 7.08 10.73 0.25
O6 HEZ H . 8.04 11.73 0.60
O1 HEZ I . -16.47 19.96 -8.16
C1 HEZ I . -15.65 21.04 -8.62
C2 HEZ I . -14.18 20.76 -8.25
C3 HEZ I . -13.95 21.03 -6.78
C4 HEZ I . -12.83 22.04 -6.54
C5 HEZ I . -13.25 23.48 -6.80
C6 HEZ I . -12.11 24.27 -7.40
O6 HEZ I . -11.36 24.90 -6.35
C1 MAN J . -6.36 -5.32 26.63
C2 MAN J . -6.53 -6.83 26.81
C3 MAN J . -5.18 -7.57 26.67
C4 MAN J . -4.40 -7.10 25.44
C5 MAN J . -4.32 -5.56 25.41
C6 MAN J . -3.58 -5.01 24.19
O1 MAN J . -5.70 -4.76 27.76
O2 MAN J . -7.45 -7.31 25.84
O3 MAN J . -5.40 -8.96 26.58
O4 MAN J . -3.12 -7.69 25.47
O5 MAN J . -5.64 -5.03 25.45
O6 MAN J . -4.27 -5.36 23.01
C1 MAN K . 8.07 -5.41 23.83
C2 MAN K . 9.38 -5.24 23.04
C3 MAN K . 9.38 -3.96 22.22
C4 MAN K . 8.13 -3.86 21.36
C5 MAN K . 6.87 -3.98 22.23
C6 MAN K . 5.61 -3.99 21.37
O1 MAN K . 8.11 -4.57 24.97
O2 MAN K . 9.59 -6.37 22.22
O3 MAN K . 10.54 -3.90 21.42
O4 MAN K . 8.14 -2.63 20.66
O5 MAN K . 6.91 -5.16 23.03
O6 MAN K . 5.42 -5.24 20.73
C1 MAN L . -12.97 -7.58 21.09
C2 MAN L . -11.49 -7.17 20.95
C3 MAN L . -11.33 -6.03 19.93
C4 MAN L . -12.03 -6.38 18.61
C5 MAN L . -13.46 -6.82 18.85
C6 MAN L . -14.10 -7.30 17.55
O1 MAN L . -13.68 -6.59 21.80
O2 MAN L . -10.76 -8.32 20.57
O3 MAN L . -9.96 -5.74 19.70
O4 MAN L . -12.01 -5.26 17.75
O5 MAN L . -13.54 -7.86 19.81
O6 MAN L . -15.50 -7.36 17.72
ZN ZN M . -0.33 -18.02 18.02
O1 HEZ N . 8.35 3.00 16.31
C1 HEZ N . 9.07 4.10 15.76
C2 HEZ N . 8.11 5.25 15.49
C3 HEZ N . 8.13 5.66 14.02
C4 HEZ N . 6.88 5.18 13.30
C5 HEZ N . 7.24 4.62 11.93
C6 HEZ N . 6.18 4.98 10.89
O6 HEZ N . 6.77 4.96 9.59
O1 HEZ O . -10.72 -3.23 7.43
C1 HEZ O . -11.47 -4.13 6.59
C2 HEZ O . -11.31 -3.73 5.12
C3 HEZ O . -9.87 -3.93 4.62
C4 HEZ O . -9.78 -3.60 3.14
C5 HEZ O . -8.58 -2.72 2.82
C6 HEZ O . -8.93 -1.54 1.92
O6 HEZ O . -9.31 -2.04 0.64
#